data_5Q19
#
_entry.id   5Q19
#
_cell.length_a   71.670
_cell.length_b   83.790
_cell.length_c   189.580
_cell.angle_alpha   90.000
_cell.angle_beta   90.000
_cell.angle_gamma   90.000
#
_symmetry.space_group_name_H-M   'C 2 2 21'
#
loop_
_entity.id
_entity.type
_entity.pdbx_description
1 polymer 'Bile acid receptor'
2 polymer 'COACTIVATOR PEPTIDE SRC-1 HD3'
3 non-polymer (2S)-N,2-dicyclohexyl-2-[2-(2,4-dimethoxyphenyl)-1H-benzimidazol-1-yl]acetamide
4 water water
#
loop_
_entity_poly.entity_id
_entity_poly.type
_entity_poly.pdbx_seq_one_letter_code
_entity_poly.pdbx_strand_id
1 'polypeptide(L)'
;GSHMELTPDQQTLLHFIMDSYNKQRMPQEITNKILKEAFSAEENFLILTEMATNHVQVLVEFTKKLPGFQTLDHEDQIAL
LKGSAVEAMFLRSAEIFNKKLPSGHSDLLEARIRNSGISDEYITPMFSFYKSIGELKMTQEEYALLTAIVILSPDRQYIK
DREAVEKLQEPLLDVLQKLCKIHQPENPQHFACLLGRLTELRTFNHHHAEMLMSWRVNDHKFTPLLCEIWDVQ
;
A,C
2 'polypeptide(L)' KDHQLLRYLLDKDE B,D
#
# COMPACT_ATOMS: atom_id res chain seq x y z
N MET A 4 28.36 9.93 38.78
CA MET A 4 27.71 9.94 37.48
C MET A 4 28.03 8.68 36.67
N GLU A 5 29.31 8.28 36.65
CA GLU A 5 29.92 7.13 35.98
C GLU A 5 29.44 5.79 36.53
N LEU A 6 29.50 4.74 35.71
CA LEU A 6 29.15 3.39 36.12
C LEU A 6 30.28 2.83 37.00
N THR A 7 29.92 2.03 37.99
CA THR A 7 30.88 1.37 38.90
C THR A 7 31.36 0.10 38.18
N PRO A 8 32.44 -0.59 38.62
CA PRO A 8 32.86 -1.84 37.93
C PRO A 8 31.77 -2.92 37.94
N ASP A 9 30.97 -3.02 39.03
CA ASP A 9 29.87 -3.99 39.16
CA ASP A 9 29.87 -3.98 39.15
C ASP A 9 28.77 -3.68 38.14
N GLN A 10 28.51 -2.39 37.89
CA GLN A 10 27.49 -1.95 36.94
C GLN A 10 27.95 -2.21 35.50
N GLN A 11 29.23 -1.94 35.22
CA GLN A 11 29.85 -2.18 33.92
C GLN A 11 29.75 -3.67 33.58
N THR A 12 30.00 -4.55 34.59
CA THR A 12 29.89 -6.02 34.50
C THR A 12 28.46 -6.39 34.16
N LEU A 13 27.49 -5.83 34.90
CA LEU A 13 26.06 -6.08 34.69
C LEU A 13 25.63 -5.71 33.27
N LEU A 14 26.00 -4.51 32.82
CA LEU A 14 25.70 -3.96 31.50
C LEU A 14 26.20 -4.86 30.36
N HIS A 15 27.50 -5.25 30.41
CA HIS A 15 28.09 -6.12 29.39
C HIS A 15 27.45 -7.49 29.39
N PHE A 16 27.07 -8.00 30.57
CA PHE A 16 26.44 -9.30 30.69
C PHE A 16 25.05 -9.24 30.05
N ILE A 17 24.28 -8.17 30.32
CA ILE A 17 22.95 -7.99 29.73
C ILE A 17 23.08 -7.83 28.21
N MET A 18 24.08 -7.06 27.76
CA MET A 18 24.35 -6.85 26.32
C MET A 18 24.64 -8.14 25.58
N ASP A 19 25.49 -9.02 26.17
CA ASP A 19 25.84 -10.30 25.55
CA ASP A 19 25.85 -10.32 25.58
C ASP A 19 24.60 -11.17 25.38
N SER A 20 23.72 -11.22 26.41
CA SER A 20 22.47 -12.00 26.35
C SER A 20 21.51 -11.42 25.31
N TYR A 21 21.37 -10.08 25.27
CA TYR A 21 20.50 -9.37 24.33
C TYR A 21 20.92 -9.57 22.87
N ASN A 22 22.23 -9.67 22.63
CA ASN A 22 22.85 -9.88 21.31
C ASN A 22 22.56 -11.27 20.69
N LYS A 23 22.00 -12.22 21.46
CA LYS A 23 21.68 -13.57 20.98
C LYS A 23 20.41 -13.60 20.14
N GLN A 24 19.71 -12.46 20.04
CA GLN A 24 18.48 -12.33 19.27
C GLN A 24 18.73 -12.35 17.78
N ARG A 25 17.68 -12.67 16.99
CA ARG A 25 17.75 -12.67 15.53
C ARG A 25 18.10 -11.23 15.10
N MET A 26 19.13 -11.06 14.27
CA MET A 26 19.61 -9.75 13.84
C MET A 26 18.54 -8.93 13.11
N PRO A 27 18.44 -7.60 13.35
CA PRO A 27 17.40 -6.80 12.68
C PRO A 27 17.39 -6.90 11.15
N GLN A 28 18.60 -6.98 10.54
CA GLN A 28 18.79 -7.12 9.09
C GLN A 28 18.17 -8.40 8.51
N GLU A 29 18.20 -9.52 9.26
CA GLU A 29 17.61 -10.80 8.83
C GLU A 29 16.09 -10.66 8.65
N ILE A 30 15.49 -9.73 9.41
CA ILE A 30 14.06 -9.44 9.40
C ILE A 30 13.70 -8.45 8.28
N THR A 31 14.43 -7.31 8.21
CA THR A 31 14.15 -6.26 7.22
C THR A 31 14.48 -6.70 5.80
N ASN A 32 15.55 -7.50 5.62
CA ASN A 32 15.93 -8.04 4.30
C ASN A 32 14.78 -8.81 3.69
N LYS A 33 14.10 -9.66 4.49
CA LYS A 33 12.98 -10.49 4.05
C LYS A 33 11.76 -9.67 3.64
N ILE A 34 11.39 -8.67 4.46
CA ILE A 34 10.25 -7.79 4.22
C ILE A 34 10.50 -6.88 3.00
N LEU A 35 11.73 -6.33 2.88
CA LEU A 35 12.10 -5.43 1.79
C LEU A 35 12.32 -6.10 0.44
N LYS A 36 12.78 -7.37 0.45
CA LYS A 36 13.10 -8.15 -0.75
C LYS A 36 11.90 -8.35 -1.68
N GLU A 37 10.81 -8.91 -1.14
CA GLU A 37 9.61 -9.20 -1.93
C GLU A 37 8.38 -8.79 -1.15
N ALA A 38 7.30 -8.42 -1.86
CA ALA A 38 6.03 -8.11 -1.22
C ALA A 38 5.27 -9.43 -1.13
N PHE A 39 4.81 -9.78 0.08
CA PHE A 39 4.09 -11.02 0.31
C PHE A 39 2.61 -10.73 0.52
N SER A 40 1.76 -11.77 0.38
CA SER A 40 0.32 -11.67 0.62
C SER A 40 0.06 -11.56 2.13
N ALA A 41 -1.17 -11.17 2.54
CA ALA A 41 -1.56 -11.08 3.95
C ALA A 41 -1.42 -12.45 4.64
N GLU A 42 -1.69 -13.54 3.89
CA GLU A 42 -1.56 -14.92 4.36
C GLU A 42 -0.10 -15.26 4.67
N GLU A 43 0.82 -14.90 3.74
CA GLU A 43 2.25 -15.16 3.90
C GLU A 43 2.82 -14.32 5.02
N ASN A 44 2.35 -13.06 5.15
CA ASN A 44 2.79 -12.14 6.18
C ASN A 44 2.38 -12.58 7.59
N PHE A 45 1.18 -13.20 7.73
CA PHE A 45 0.73 -13.70 9.02
C PHE A 45 1.64 -14.86 9.46
N LEU A 46 2.06 -15.73 8.53
CA LEU A 46 2.95 -16.86 8.78
C LEU A 46 4.37 -16.38 9.11
N ILE A 47 4.82 -15.29 8.46
CA ILE A 47 6.12 -14.68 8.76
C ILE A 47 6.07 -14.15 10.21
N LEU A 48 4.99 -13.42 10.57
CA LEU A 48 4.82 -12.86 11.91
C LEU A 48 4.86 -13.93 13.01
N THR A 49 4.11 -15.01 12.81
CA THR A 49 3.98 -16.14 13.72
C THR A 49 5.35 -16.82 13.95
N GLU A 50 6.14 -17.04 12.88
CA GLU A 50 7.47 -17.65 12.96
C GLU A 50 8.42 -16.68 13.67
N MET A 51 8.38 -15.41 13.29
CA MET A 51 9.19 -14.36 13.97
C MET A 51 8.89 -14.32 15.47
N ALA A 52 7.62 -14.26 15.84
CA ALA A 52 7.21 -14.16 17.23
C ALA A 52 7.54 -15.40 18.05
N THR A 53 7.56 -16.61 17.42
CA THR A 53 7.88 -17.86 18.12
C THR A 53 9.38 -17.85 18.44
N ASN A 54 10.23 -17.44 17.48
CA ASN A 54 11.66 -17.34 17.72
C ASN A 54 11.88 -16.26 18.79
N HIS A 55 11.17 -15.11 18.71
CA HIS A 55 11.33 -14.05 19.73
C HIS A 55 11.06 -14.56 21.15
N VAL A 56 9.92 -15.26 21.37
CA VAL A 56 9.56 -15.81 22.69
C VAL A 56 10.64 -16.80 23.22
N GLN A 57 11.12 -17.70 22.35
CA GLN A 57 12.14 -18.69 22.72
C GLN A 57 13.42 -18.01 23.20
N VAL A 58 13.91 -17.02 22.47
CA VAL A 58 15.11 -16.25 22.82
C VAL A 58 14.85 -15.39 24.07
N LEU A 59 13.62 -14.84 24.20
CA LEU A 59 13.23 -14.01 25.34
C LEU A 59 13.29 -14.81 26.64
N VAL A 60 12.79 -16.07 26.62
CA VAL A 60 12.83 -16.96 27.81
C VAL A 60 14.30 -17.19 28.20
N GLU A 61 15.17 -17.49 27.21
CA GLU A 61 16.61 -17.68 27.48
C GLU A 61 17.28 -16.41 28.02
N PHE A 62 16.91 -15.21 27.51
CA PHE A 62 17.44 -13.91 27.99
C PHE A 62 16.98 -13.71 29.45
N THR A 63 15.69 -13.92 29.71
CA THR A 63 15.05 -13.78 31.03
C THR A 63 15.72 -14.67 32.08
N LYS A 64 16.00 -15.93 31.72
CA LYS A 64 16.66 -16.90 32.61
C LYS A 64 18.06 -16.47 33.03
N LYS A 65 18.72 -15.64 32.21
CA LYS A 65 20.07 -15.13 32.48
CA LYS A 65 20.06 -15.14 32.51
C LYS A 65 20.07 -13.86 33.34
N LEU A 66 18.89 -13.19 33.50
CA LEU A 66 18.77 -11.97 34.28
C LEU A 66 19.20 -12.25 35.72
N PRO A 67 20.16 -11.48 36.27
CA PRO A 67 20.64 -11.77 37.64
C PRO A 67 19.50 -11.86 38.66
N GLY A 68 19.47 -12.99 39.35
CA GLY A 68 18.49 -13.28 40.38
C GLY A 68 17.18 -13.86 39.89
N PHE A 69 16.91 -13.87 38.56
CA PHE A 69 15.63 -14.39 38.05
C PHE A 69 15.33 -15.83 38.50
N GLN A 70 16.33 -16.70 38.50
CA GLN A 70 16.13 -18.10 38.87
C GLN A 70 15.99 -18.31 40.40
N THR A 71 16.24 -17.25 41.22
CA THR A 71 16.05 -17.32 42.69
C THR A 71 14.58 -17.03 43.05
N LEU A 72 13.82 -16.43 42.10
CA LEU A 72 12.41 -16.10 42.28
C LEU A 72 11.53 -17.33 42.34
N ASP A 73 10.36 -17.18 42.96
CA ASP A 73 9.32 -18.22 43.06
C ASP A 73 8.92 -18.64 41.64
N HIS A 74 8.78 -19.97 41.41
CA HIS A 74 8.44 -20.54 40.10
C HIS A 74 7.19 -19.94 39.48
N GLU A 75 6.13 -19.71 40.28
CA GLU A 75 4.89 -19.13 39.78
C GLU A 75 5.10 -17.68 39.36
N ASP A 76 5.90 -16.92 40.13
CA ASP A 76 6.20 -15.52 39.80
C ASP A 76 7.03 -15.42 38.52
N GLN A 77 7.94 -16.40 38.29
CA GLN A 77 8.77 -16.49 37.09
C GLN A 77 7.89 -16.57 35.83
N ILE A 78 6.82 -17.39 35.89
CA ILE A 78 5.85 -17.59 34.81
C ILE A 78 5.09 -16.29 34.54
N ALA A 79 4.59 -15.67 35.62
CA ALA A 79 3.81 -14.44 35.57
C ALA A 79 4.59 -13.28 34.95
N LEU A 80 5.90 -13.18 35.25
CA LEU A 80 6.77 -12.14 34.68
C LEU A 80 6.95 -12.35 33.17
N LEU A 81 7.26 -13.59 32.76
CA LEU A 81 7.45 -13.93 31.35
C LEU A 81 6.19 -13.71 30.55
N LYS A 82 5.06 -14.23 31.04
CA LYS A 82 3.75 -14.08 30.42
C LYS A 82 3.29 -12.63 30.38
N GLY A 83 3.59 -11.88 31.45
CA GLY A 83 3.22 -10.48 31.55
C GLY A 83 4.01 -9.55 30.66
N SER A 84 5.24 -9.92 30.28
CA SER A 84 6.14 -9.07 29.48
C SER A 84 6.38 -9.48 28.02
N ALA A 85 6.01 -10.69 27.62
CA ALA A 85 6.31 -11.18 26.27
C ALA A 85 5.82 -10.28 25.13
N VAL A 86 4.57 -9.79 25.21
CA VAL A 86 4.03 -8.95 24.15
C VAL A 86 4.72 -7.56 24.13
N GLU A 87 4.94 -6.98 25.30
CA GLU A 87 5.62 -5.67 25.43
C GLU A 87 7.04 -5.74 24.89
N ALA A 88 7.80 -6.79 25.26
CA ALA A 88 9.18 -7.01 24.78
C ALA A 88 9.18 -7.19 23.27
N MET A 89 8.15 -7.85 22.73
CA MET A 89 8.04 -8.04 21.27
C MET A 89 7.92 -6.71 20.54
N PHE A 90 7.02 -5.85 21.02
CA PHE A 90 6.82 -4.53 20.42
C PHE A 90 8.03 -3.62 20.62
N LEU A 91 8.76 -3.79 21.73
CA LEU A 91 9.97 -2.99 21.95
C LEU A 91 11.05 -3.41 20.95
N ARG A 92 11.15 -4.71 20.66
CA ARG A 92 12.12 -5.23 19.69
C ARG A 92 11.74 -4.79 18.27
N SER A 93 10.44 -4.83 17.92
CA SER A 93 9.94 -4.38 16.62
C SER A 93 10.23 -2.87 16.43
N ALA A 94 10.07 -2.08 17.50
CA ALA A 94 10.35 -0.64 17.51
C ALA A 94 11.84 -0.38 17.26
N GLU A 95 12.72 -1.22 17.83
CA GLU A 95 14.16 -1.15 17.65
C GLU A 95 14.52 -1.44 16.20
N ILE A 96 13.97 -2.54 15.63
CA ILE A 96 14.22 -2.94 14.24
C ILE A 96 13.74 -1.85 13.30
N PHE A 97 12.52 -1.36 13.50
CA PHE A 97 11.91 -0.31 12.68
C PHE A 97 12.79 0.96 12.59
N ASN A 98 13.43 1.33 13.70
CA ASN A 98 14.22 2.55 13.79
C ASN A 98 15.72 2.40 13.45
N LYS A 99 16.19 1.20 13.08
CA LYS A 99 17.59 1.03 12.68
C LYS A 99 17.79 1.72 11.33
N LYS A 100 18.92 2.44 11.17
CA LYS A 100 19.20 3.15 9.93
C LYS A 100 19.44 2.22 8.75
N LEU A 101 18.73 2.50 7.65
CA LEU A 101 18.79 1.75 6.40
C LEU A 101 19.11 2.69 5.22
N PRO A 102 19.59 2.18 4.04
CA PRO A 102 19.85 3.08 2.90
C PRO A 102 18.62 3.90 2.48
N SER A 103 18.84 5.10 1.89
CA SER A 103 17.81 6.04 1.45
CA SER A 103 17.80 6.03 1.45
C SER A 103 16.62 5.35 0.76
N GLY A 104 15.42 5.59 1.29
CA GLY A 104 14.17 5.03 0.77
C GLY A 104 13.74 3.69 1.35
N HIS A 105 14.66 2.94 2.00
CA HIS A 105 14.39 1.62 2.58
C HIS A 105 13.43 1.65 3.75
N SER A 106 13.53 2.64 4.65
CA SER A 106 12.64 2.75 5.81
C SER A 106 11.20 3.07 5.39
N ASP A 107 11.04 3.91 4.33
CA ASP A 107 9.75 4.27 3.74
C ASP A 107 9.07 3.04 3.13
N LEU A 108 9.84 2.16 2.46
CA LEU A 108 9.31 0.93 1.87
C LEU A 108 8.95 -0.02 2.99
N LEU A 109 9.78 -0.10 4.04
CA LEU A 109 9.54 -0.93 5.21
C LEU A 109 8.20 -0.56 5.86
N GLU A 110 7.95 0.76 6.12
CA GLU A 110 6.70 1.19 6.74
CA GLU A 110 6.69 1.24 6.72
C GLU A 110 5.52 0.84 5.82
N ALA A 111 5.65 1.11 4.50
CA ALA A 111 4.61 0.79 3.51
C ALA A 111 4.33 -0.72 3.46
N ARG A 112 5.36 -1.57 3.57
CA ARG A 112 5.20 -3.02 3.55
C ARG A 112 4.52 -3.50 4.84
N ILE A 113 4.83 -2.90 5.98
CA ILE A 113 4.18 -3.22 7.26
C ILE A 113 2.73 -2.73 7.26
N ARG A 114 2.46 -1.55 6.68
CA ARG A 114 1.12 -0.99 6.55
C ARG A 114 0.16 -1.87 5.75
N ASN A 115 0.67 -2.55 4.70
CA ASN A 115 -0.10 -3.42 3.82
CA ASN A 115 -0.10 -3.43 3.82
C ASN A 115 0.11 -4.93 4.13
N SER A 116 0.53 -5.25 5.37
CA SER A 116 0.81 -6.62 5.79
C SER A 116 -0.42 -7.51 6.05
N GLY A 117 -1.58 -6.90 6.33
CA GLY A 117 -2.80 -7.63 6.63
C GLY A 117 -3.49 -7.15 7.89
N ILE A 118 -2.76 -6.40 8.75
CA ILE A 118 -3.27 -5.81 9.99
CA ILE A 118 -3.35 -5.83 9.98
C ILE A 118 -4.30 -4.70 9.67
N SER A 119 -5.33 -4.55 10.52
CA SER A 119 -6.36 -3.52 10.40
C SER A 119 -5.76 -2.13 10.62
N ASP A 120 -6.30 -1.13 9.88
CA ASP A 120 -5.93 0.29 9.90
C ASP A 120 -5.96 0.90 11.30
N GLU A 121 -6.91 0.43 12.11
CA GLU A 121 -7.20 0.81 13.50
C GLU A 121 -5.97 0.63 14.41
N TYR A 122 -5.16 -0.41 14.11
CA TYR A 122 -3.99 -0.79 14.89
C TYR A 122 -2.68 -0.26 14.33
N ILE A 123 -2.67 0.09 13.03
CA ILE A 123 -1.52 0.61 12.28
CA ILE A 123 -1.51 0.60 12.31
C ILE A 123 -1.06 1.96 12.86
N THR A 124 -2.01 2.91 13.00
CA THR A 124 -1.78 4.27 13.48
C THR A 124 -1.10 4.26 14.87
N PRO A 125 -1.66 3.65 15.96
CA PRO A 125 -0.94 3.65 17.24
C PRO A 125 0.39 2.91 17.26
N MET A 126 0.53 1.87 16.40
CA MET A 126 1.78 1.10 16.27
C MET A 126 2.90 1.98 15.70
N PHE A 127 2.63 2.73 14.62
CA PHE A 127 3.61 3.63 14.02
C PHE A 127 3.86 4.87 14.87
N SER A 128 2.84 5.28 15.66
CA SER A 128 2.95 6.39 16.60
C SER A 128 4.00 6.01 17.66
N PHE A 129 3.90 4.80 18.22
CA PHE A 129 4.86 4.30 19.19
C PHE A 129 6.28 4.14 18.59
N TYR A 130 6.37 3.52 17.41
CA TYR A 130 7.63 3.30 16.69
C TYR A 130 8.34 4.64 16.42
N LYS A 131 7.62 5.66 15.96
CA LYS A 131 8.17 6.99 15.68
C LYS A 131 8.65 7.66 16.97
N SER A 132 7.83 7.57 18.04
CA SER A 132 8.13 8.15 19.37
CA SER A 132 8.11 8.13 19.38
C SER A 132 9.38 7.54 19.98
N ILE A 133 9.55 6.21 19.82
CA ILE A 133 10.76 5.57 20.37
C ILE A 133 11.98 5.94 19.51
N GLY A 134 11.75 6.15 18.21
CA GLY A 134 12.79 6.55 17.27
C GLY A 134 13.33 7.94 17.53
N GLU A 135 12.46 8.85 18.01
CA GLU A 135 12.82 10.22 18.35
C GLU A 135 13.73 10.25 19.58
N LEU A 136 13.65 9.20 20.42
CA LEU A 136 14.48 9.05 21.61
C LEU A 136 15.94 8.73 21.28
N LYS A 137 16.22 8.28 20.04
CA LYS A 137 17.56 7.93 19.53
C LYS A 137 18.35 7.04 20.51
N MET A 138 17.70 5.95 20.94
CA MET A 138 18.22 4.99 21.90
C MET A 138 19.39 4.18 21.35
N THR A 139 20.36 3.86 22.23
CA THR A 139 21.52 3.02 21.88
C THR A 139 21.09 1.59 22.10
N GLN A 140 21.92 0.61 21.66
CA GLN A 140 21.64 -0.80 21.87
C GLN A 140 21.54 -1.18 23.36
N GLU A 141 22.39 -0.54 24.20
CA GLU A 141 22.45 -0.74 25.64
C GLU A 141 21.14 -0.30 26.31
N GLU A 142 20.57 0.80 25.82
CA GLU A 142 19.31 1.33 26.33
C GLU A 142 18.16 0.37 25.99
N TYR A 143 18.12 -0.18 24.75
CA TYR A 143 17.10 -1.18 24.37
C TYR A 143 17.20 -2.43 25.20
N ALA A 144 18.43 -2.92 25.47
CA ALA A 144 18.68 -4.12 26.27
C ALA A 144 18.22 -3.97 27.71
N LEU A 145 18.62 -2.86 28.35
CA LEU A 145 18.24 -2.56 29.73
C LEU A 145 16.75 -2.34 29.85
N LEU A 146 16.17 -1.58 28.90
CA LEU A 146 14.72 -1.32 28.93
C LEU A 146 13.94 -2.64 28.82
N THR A 147 14.41 -3.59 27.98
CA THR A 147 13.75 -4.91 27.83
C THR A 147 13.82 -5.65 29.18
N ALA A 148 15.02 -5.66 29.81
CA ALA A 148 15.22 -6.28 31.14
C ALA A 148 14.31 -5.66 32.20
N ILE A 149 14.15 -4.32 32.17
CA ILE A 149 13.29 -3.57 33.11
C ILE A 149 11.80 -3.94 32.91
N VAL A 150 11.38 -4.10 31.63
CA VAL A 150 10.03 -4.52 31.22
C VAL A 150 9.74 -5.92 31.80
N ILE A 151 10.71 -6.84 31.68
CA ILE A 151 10.55 -8.22 32.18
C ILE A 151 10.44 -8.24 33.70
N LEU A 152 11.32 -7.52 34.38
CA LEU A 152 11.35 -7.49 35.84
C LEU A 152 10.46 -6.39 36.43
N SER A 153 9.23 -6.27 35.92
CA SER A 153 8.29 -5.28 36.42
CA SER A 153 8.29 -5.28 36.43
C SER A 153 7.54 -5.90 37.59
N PRO A 154 7.74 -5.37 38.84
CA PRO A 154 7.08 -5.97 40.01
C PRO A 154 5.58 -5.77 40.09
N ASP A 155 5.04 -4.83 39.32
CA ASP A 155 3.61 -4.48 39.28
C ASP A 155 2.79 -5.36 38.32
N ARG A 156 3.35 -6.50 37.88
CA ARG A 156 2.68 -7.47 36.99
C ARG A 156 1.61 -8.22 37.79
N GLN A 157 0.51 -8.63 37.13
CA GLN A 157 -0.57 -9.36 37.81
C GLN A 157 -0.15 -10.81 38.12
N TYR A 158 -0.61 -11.30 39.29
CA TYR A 158 -0.39 -12.63 39.86
C TYR A 158 0.99 -12.79 40.50
N ILE A 159 1.71 -11.67 40.74
CA ILE A 159 3.01 -11.68 41.40
C ILE A 159 2.75 -11.75 42.91
N LYS A 160 3.24 -12.81 43.55
CA LYS A 160 3.05 -13.00 44.99
C LYS A 160 4.08 -12.24 45.81
N ASP A 161 5.30 -12.12 45.29
CA ASP A 161 6.39 -11.43 45.99
C ASP A 161 6.98 -10.30 45.12
N ARG A 162 6.30 -9.13 45.16
CA ARG A 162 6.65 -7.93 44.41
CA ARG A 162 6.65 -7.93 44.41
C ARG A 162 8.00 -7.36 44.84
N GLU A 163 8.30 -7.40 46.15
CA GLU A 163 9.53 -6.93 46.78
CA GLU A 163 9.55 -6.90 46.72
C GLU A 163 10.77 -7.62 46.16
N ALA A 164 10.67 -8.96 45.98
CA ALA A 164 11.74 -9.78 45.41
C ALA A 164 12.02 -9.38 43.94
N VAL A 165 10.97 -8.98 43.20
CA VAL A 165 11.11 -8.53 41.82
C VAL A 165 11.70 -7.12 41.82
N GLU A 166 11.23 -6.25 42.73
CA GLU A 166 11.70 -4.88 42.90
C GLU A 166 13.22 -4.85 43.11
N LYS A 167 13.74 -5.72 43.99
CA LYS A 167 15.17 -5.85 44.27
C LYS A 167 15.98 -6.18 43.01
N LEU A 168 15.38 -6.92 42.07
CA LEU A 168 16.05 -7.28 40.84
C LEU A 168 16.00 -6.17 39.79
N GLN A 169 14.89 -5.42 39.73
CA GLN A 169 14.72 -4.34 38.75
C GLN A 169 15.52 -3.07 39.10
N GLU A 170 15.59 -2.72 40.40
CA GLU A 170 16.25 -1.52 40.90
C GLU A 170 17.69 -1.34 40.39
N PRO A 171 18.64 -2.32 40.44
CA PRO A 171 19.97 -2.05 39.89
C PRO A 171 20.00 -1.85 38.37
N LEU A 172 19.00 -2.39 37.63
CA LEU A 172 18.94 -2.19 36.18
C LEU A 172 18.47 -0.76 35.89
N LEU A 173 17.53 -0.25 36.71
CA LEU A 173 17.03 1.11 36.62
C LEU A 173 18.15 2.12 36.91
N ASP A 174 19.00 1.82 37.93
CA ASP A 174 20.16 2.66 38.28
C ASP A 174 21.15 2.75 37.11
N VAL A 175 21.46 1.61 36.46
CA VAL A 175 22.37 1.55 35.31
C VAL A 175 21.81 2.33 34.13
N LEU A 176 20.51 2.13 33.81
CA LEU A 176 19.87 2.84 32.70
C LEU A 176 19.93 4.35 32.90
N GLN A 177 19.60 4.83 34.12
CA GLN A 177 19.66 6.26 34.48
C GLN A 177 21.04 6.86 34.22
N LYS A 178 22.11 6.18 34.67
CA LYS A 178 23.49 6.62 34.43
C LYS A 178 23.78 6.74 32.92
N LEU A 179 23.40 5.72 32.13
CA LEU A 179 23.59 5.71 30.67
C LEU A 179 22.87 6.85 29.96
N CYS A 180 21.65 7.19 30.41
CA CYS A 180 20.88 8.31 29.87
C CYS A 180 21.61 9.63 30.12
N LYS A 181 22.24 9.77 31.31
CA LYS A 181 23.01 10.96 31.71
C LYS A 181 24.33 11.08 30.93
N ILE A 182 24.91 9.93 30.52
CA ILE A 182 26.17 9.83 29.78
C ILE A 182 25.97 10.01 28.27
N HIS A 183 24.99 9.29 27.67
CA HIS A 183 24.69 9.33 26.23
CA HIS A 183 24.71 9.35 26.24
C HIS A 183 23.99 10.63 25.83
N GLN A 184 23.11 11.17 26.71
CA GLN A 184 22.36 12.39 26.43
CA GLN A 184 22.37 12.40 26.43
C GLN A 184 22.42 13.39 27.61
N PRO A 185 23.60 14.04 27.86
CA PRO A 185 23.66 15.01 28.97
C PRO A 185 22.90 16.31 28.67
N GLU A 186 22.65 16.57 27.38
CA GLU A 186 21.88 17.70 26.83
C GLU A 186 20.40 17.60 27.24
N ASN A 187 19.84 16.37 27.18
CA ASN A 187 18.44 16.09 27.53
C ASN A 187 18.35 15.43 28.92
N PRO A 188 18.05 16.19 29.99
CA PRO A 188 17.96 15.56 31.32
C PRO A 188 16.64 14.83 31.57
N GLN A 189 15.71 14.94 30.59
CA GLN A 189 14.40 14.30 30.58
C GLN A 189 14.46 12.90 29.98
N HIS A 190 15.60 12.55 29.31
CA HIS A 190 15.78 11.29 28.58
C HIS A 190 15.42 10.03 29.38
N PHE A 191 15.83 9.94 30.66
CA PHE A 191 15.48 8.77 31.48
C PHE A 191 13.97 8.71 31.73
N ALA A 192 13.35 9.86 32.11
CA ALA A 192 11.90 9.97 32.31
C ALA A 192 11.14 9.58 31.04
N CYS A 193 11.60 10.04 29.86
CA CYS A 193 11.00 9.71 28.55
C CYS A 193 10.97 8.22 28.32
N LEU A 194 12.10 7.53 28.61
CA LEU A 194 12.23 6.08 28.44
C LEU A 194 11.23 5.36 29.32
N LEU A 195 11.18 5.74 30.61
CA LEU A 195 10.24 5.13 31.55
C LEU A 195 8.79 5.41 31.15
N GLY A 196 8.55 6.58 30.58
CA GLY A 196 7.22 6.99 30.08
C GLY A 196 6.75 6.11 28.95
N ARG A 197 7.67 5.74 28.04
CA ARG A 197 7.36 4.87 26.90
C ARG A 197 6.91 3.44 27.33
N LEU A 198 7.29 3.02 28.55
CA LEU A 198 6.88 1.73 29.12
C LEU A 198 5.38 1.66 29.40
N THR A 199 4.72 2.80 29.73
CA THR A 199 3.27 2.83 29.95
C THR A 199 2.54 2.69 28.62
N GLU A 200 3.09 3.29 27.55
CA GLU A 200 2.52 3.19 26.20
C GLU A 200 2.68 1.74 25.67
N LEU A 201 3.77 1.04 26.07
CA LEU A 201 4.00 -0.36 25.72
C LEU A 201 2.89 -1.20 26.30
N ARG A 202 2.48 -0.90 27.55
CA ARG A 202 1.42 -1.63 28.26
C ARG A 202 0.08 -1.60 27.51
N THR A 203 -0.21 -0.50 26.79
CA THR A 203 -1.46 -0.38 26.02
C THR A 203 -1.53 -1.43 24.90
N PHE A 204 -0.37 -1.83 24.31
CA PHE A 204 -0.31 -2.88 23.28
C PHE A 204 -0.82 -4.23 23.81
N ASN A 205 -0.83 -4.46 25.15
CA ASN A 205 -1.35 -5.69 25.78
C ASN A 205 -2.83 -5.94 25.61
N HIS A 206 -3.64 -4.94 25.99
CA HIS A 206 -5.09 -5.00 26.02
C HIS A 206 -5.73 -5.42 24.73
N HIS A 207 -5.24 -4.92 23.59
CA HIS A 207 -5.84 -5.25 22.30
C HIS A 207 -4.93 -6.05 21.36
N HIS A 208 -3.91 -6.76 21.93
CA HIS A 208 -2.99 -7.57 21.15
CA HIS A 208 -2.99 -7.55 21.11
C HIS A 208 -3.71 -8.73 20.43
N ALA A 209 -4.59 -9.44 21.17
CA ALA A 209 -5.34 -10.58 20.62
C ALA A 209 -6.26 -10.12 19.49
N GLU A 210 -6.91 -8.95 19.64
CA GLU A 210 -7.79 -8.34 18.64
C GLU A 210 -7.00 -7.91 17.42
N MET A 211 -5.75 -7.43 17.59
CA MET A 211 -4.82 -7.02 16.54
C MET A 211 -4.55 -8.20 15.59
N LEU A 212 -4.25 -9.36 16.17
CA LEU A 212 -3.97 -10.60 15.45
C LEU A 212 -5.20 -11.17 14.76
N MET A 213 -6.36 -11.20 15.45
CA MET A 213 -7.59 -11.75 14.90
C MET A 213 -8.19 -10.89 13.81
N SER A 214 -7.82 -9.59 13.77
CA SER A 214 -8.28 -8.62 12.76
C SER A 214 -7.47 -8.76 11.45
N TRP A 215 -6.37 -9.56 11.45
CA TRP A 215 -5.52 -9.81 10.28
C TRP A 215 -6.38 -10.32 9.12
N ARG A 216 -6.22 -9.72 7.93
CA ARG A 216 -6.98 -10.07 6.72
CA ARG A 216 -6.99 -10.07 6.73
C ARG A 216 -6.56 -11.44 6.18
N VAL A 217 -6.94 -12.49 6.91
CA VAL A 217 -6.66 -13.89 6.62
C VAL A 217 -7.86 -14.76 7.00
N ASN A 218 -8.11 -15.81 6.21
CA ASN A 218 -9.22 -16.76 6.43
C ASN A 218 -9.05 -17.58 7.71
N ASP A 219 -7.82 -18.09 7.97
CA ASP A 219 -7.53 -18.88 9.17
CA ASP A 219 -7.51 -18.92 9.15
C ASP A 219 -6.37 -18.32 9.97
N HIS A 220 -6.60 -18.10 11.27
CA HIS A 220 -5.57 -17.54 12.16
C HIS A 220 -4.92 -18.68 12.94
N LYS A 221 -3.92 -19.32 12.31
CA LYS A 221 -3.19 -20.45 12.88
CA LYS A 221 -3.20 -20.44 12.89
C LYS A 221 -2.01 -19.97 13.70
N PHE A 222 -1.98 -20.36 14.98
CA PHE A 222 -0.94 -20.03 15.93
C PHE A 222 -0.22 -21.30 16.38
N THR A 223 1.06 -21.18 16.78
CA THR A 223 1.81 -22.33 17.28
C THR A 223 1.36 -22.60 18.73
N PRO A 224 1.49 -23.83 19.28
CA PRO A 224 1.09 -24.05 20.68
C PRO A 224 1.76 -23.10 21.70
N LEU A 225 3.02 -22.70 21.43
CA LEU A 225 3.76 -21.80 22.29
C LEU A 225 3.15 -20.39 22.27
N LEU A 226 2.78 -19.90 21.07
CA LEU A 226 2.16 -18.57 20.97
C LEU A 226 0.78 -18.55 21.62
N CYS A 227 0.04 -19.66 21.57
CA CYS A 227 -1.27 -19.75 22.21
C CYS A 227 -1.18 -19.52 23.72
N GLU A 228 -0.10 -20.03 24.37
CA GLU A 228 0.17 -19.87 25.82
C GLU A 228 0.52 -18.44 26.17
N ILE A 229 1.32 -17.80 25.30
CA ILE A 229 1.83 -16.46 25.52
C ILE A 229 0.83 -15.34 25.10
N TRP A 230 0.04 -15.58 24.06
CA TRP A 230 -0.88 -14.60 23.51
C TRP A 230 -2.36 -14.77 23.87
N ASP A 231 -2.75 -15.88 24.50
CA ASP A 231 -4.14 -16.20 24.90
C ASP A 231 -5.09 -16.18 23.68
N VAL A 232 -4.65 -16.82 22.59
CA VAL A 232 -5.36 -16.98 21.33
C VAL A 232 -5.65 -18.46 21.12
N GLN A 233 -6.74 -18.78 20.40
CA GLN A 233 -7.25 -20.13 20.07
C GLN A 233 -7.70 -20.94 21.31
N ASP B 2 -2.03 -24.94 32.23
CA ASP B 2 -2.38 -23.64 31.61
C ASP B 2 -1.22 -23.03 30.82
N HIS B 3 0.02 -23.17 31.34
CA HIS B 3 1.24 -22.66 30.68
C HIS B 3 2.35 -23.71 30.76
N GLN B 4 2.06 -24.97 30.36
CA GLN B 4 3.04 -26.06 30.46
C GLN B 4 4.26 -25.90 29.55
N LEU B 5 4.12 -25.29 28.35
CA LEU B 5 5.28 -25.07 27.47
C LEU B 5 6.20 -24.01 28.05
N LEU B 6 5.60 -22.96 28.65
CA LEU B 6 6.33 -21.87 29.27
C LEU B 6 7.09 -22.38 30.49
N ARG B 7 6.41 -23.22 31.31
CA ARG B 7 6.97 -23.87 32.49
C ARG B 7 8.15 -24.73 32.09
N TYR B 8 8.01 -25.51 30.99
CA TYR B 8 9.07 -26.38 30.49
C TYR B 8 10.31 -25.60 30.06
N LEU B 9 10.12 -24.54 29.24
CA LEU B 9 11.21 -23.68 28.76
C LEU B 9 11.95 -22.98 29.90
N LEU B 10 11.23 -22.72 31.01
CA LEU B 10 11.74 -22.10 32.22
C LEU B 10 12.48 -23.12 33.10
N ASP B 11 11.95 -24.37 33.19
CA ASP B 11 12.53 -25.45 34.02
C ASP B 11 13.51 -26.39 33.27
N LYS B 12 13.81 -26.11 31.98
CA LYS B 12 14.70 -26.87 31.06
C LYS B 12 15.79 -27.71 31.74
N MET C 4 -6.68 -0.26 0.90
CA MET C 4 -8.04 -0.38 1.40
C MET C 4 -8.81 -1.39 0.56
N GLU C 5 -9.42 -2.41 1.22
CA GLU C 5 -10.17 -3.46 0.51
C GLU C 5 -11.50 -2.98 -0.06
N LEU C 6 -11.90 -3.58 -1.19
CA LEU C 6 -13.19 -3.29 -1.82
C LEU C 6 -14.30 -3.95 -1.00
N THR C 7 -15.46 -3.32 -0.93
CA THR C 7 -16.62 -3.88 -0.23
C THR C 7 -17.31 -4.83 -1.24
N PRO C 8 -18.25 -5.72 -0.83
CA PRO C 8 -18.94 -6.58 -1.82
C PRO C 8 -19.70 -5.79 -2.89
N ASP C 9 -20.31 -4.62 -2.51
CA ASP C 9 -21.03 -3.74 -3.43
CA ASP C 9 -21.03 -3.75 -3.45
C ASP C 9 -20.08 -3.14 -4.47
N GLN C 10 -18.83 -2.81 -4.05
CA GLN C 10 -17.81 -2.24 -4.95
C GLN C 10 -17.29 -3.32 -5.90
N GLN C 11 -17.10 -4.54 -5.39
CA GLN C 11 -16.68 -5.69 -6.18
C GLN C 11 -17.71 -5.98 -7.29
N THR C 12 -19.01 -5.88 -6.95
CA THR C 12 -20.14 -6.04 -7.87
C THR C 12 -20.08 -4.93 -8.94
N LEU C 13 -19.90 -3.66 -8.52
CA LEU C 13 -19.78 -2.50 -9.42
C LEU C 13 -18.61 -2.69 -10.41
N LEU C 14 -17.44 -3.09 -9.90
CA LEU C 14 -16.22 -3.32 -10.68
C LEU C 14 -16.42 -4.39 -11.76
N HIS C 15 -16.97 -5.57 -11.40
CA HIS C 15 -17.25 -6.65 -12.35
C HIS C 15 -18.27 -6.23 -13.40
N PHE C 16 -19.28 -5.43 -12.99
CA PHE C 16 -20.29 -4.93 -13.92
C PHE C 16 -19.63 -3.96 -14.93
N ILE C 17 -18.77 -3.05 -14.45
CA ILE C 17 -18.05 -2.10 -15.33
C ILE C 17 -17.12 -2.90 -16.26
N MET C 18 -16.43 -3.92 -15.73
CA MET C 18 -15.52 -4.74 -16.52
C MET C 18 -16.23 -5.49 -17.65
N ASP C 19 -17.42 -6.06 -17.37
CA ASP C 19 -18.23 -6.77 -18.38
C ASP C 19 -18.60 -5.84 -19.52
N SER C 20 -19.04 -4.60 -19.21
CA SER C 20 -19.41 -3.59 -20.21
C SER C 20 -18.18 -3.15 -21.01
N TYR C 21 -17.04 -2.92 -20.34
CA TYR C 21 -15.78 -2.50 -20.97
C TYR C 21 -15.23 -3.55 -21.94
N ASN C 22 -15.42 -4.84 -21.61
CA ASN C 22 -14.99 -6.00 -22.39
C ASN C 22 -15.72 -6.18 -23.75
N LYS C 23 -16.82 -5.42 -23.98
CA LYS C 23 -17.60 -5.50 -25.22
C LYS C 23 -16.92 -4.77 -26.38
N GLN C 24 -15.82 -4.07 -26.10
CA GLN C 24 -15.05 -3.31 -27.08
C GLN C 24 -14.32 -4.23 -28.05
N ARG C 25 -13.95 -3.70 -29.24
CA ARG C 25 -13.19 -4.43 -30.25
C ARG C 25 -11.85 -4.78 -29.58
N MET C 26 -11.47 -6.08 -29.63
CA MET C 26 -10.26 -6.59 -28.98
C MET C 26 -9.00 -5.88 -29.49
N PRO C 27 -8.02 -5.55 -28.60
CA PRO C 27 -6.79 -4.87 -29.07
C PRO C 27 -6.06 -5.59 -30.20
N GLN C 28 -6.03 -6.95 -30.16
CA GLN C 28 -5.39 -7.81 -31.17
C GLN C 28 -6.00 -7.64 -32.56
N GLU C 29 -7.33 -7.42 -32.66
CA GLU C 29 -8.02 -7.21 -33.95
C GLU C 29 -7.50 -5.94 -34.65
N ILE C 30 -7.03 -4.98 -33.86
CA ILE C 30 -6.50 -3.70 -34.30
C ILE C 30 -5.01 -3.81 -34.67
N THR C 31 -4.19 -4.38 -33.76
CA THR C 31 -2.75 -4.51 -33.96
C THR C 31 -2.41 -5.50 -35.06
N ASN C 32 -3.19 -6.60 -35.21
CA ASN C 32 -2.99 -7.59 -36.27
C ASN C 32 -3.07 -6.93 -37.65
N LYS C 33 -4.06 -6.02 -37.85
CA LYS C 33 -4.27 -5.31 -39.11
C LYS C 33 -3.13 -4.35 -39.44
N ILE C 34 -2.67 -3.57 -38.43
CA ILE C 34 -1.58 -2.59 -38.59
C ILE C 34 -0.24 -3.31 -38.82
N LEU C 35 0.02 -4.41 -38.09
CA LEU C 35 1.27 -5.17 -38.19
C LEU C 35 1.39 -6.03 -39.44
N LYS C 36 0.25 -6.52 -39.97
CA LYS C 36 0.18 -7.41 -41.13
C LYS C 36 0.75 -6.77 -42.40
N GLU C 37 0.22 -5.61 -42.80
CA GLU C 37 0.66 -4.90 -44.01
C GLU C 37 0.81 -3.43 -43.73
N ALA C 38 1.71 -2.76 -44.46
CA ALA C 38 1.88 -1.31 -44.35
C ALA C 38 0.89 -0.68 -45.33
N PHE C 39 0.06 0.23 -44.85
CA PHE C 39 -0.94 0.89 -45.70
C PHE C 39 -0.52 2.32 -46.00
N SER C 40 -1.11 2.93 -47.05
CA SER C 40 -0.86 4.32 -47.43
C SER C 40 -1.56 5.25 -46.42
N ALA C 41 -1.22 6.56 -46.44
CA ALA C 41 -1.83 7.56 -45.56
C ALA C 41 -3.35 7.63 -45.81
N GLU C 42 -3.77 7.44 -47.08
CA GLU C 42 -5.17 7.43 -47.49
C GLU C 42 -5.92 6.25 -46.87
N GLU C 43 -5.31 5.04 -46.92
CA GLU C 43 -5.90 3.82 -46.36
C GLU C 43 -5.95 3.90 -44.85
N ASN C 44 -4.90 4.48 -44.23
CA ASN C 44 -4.81 4.65 -42.78
C ASN C 44 -5.85 5.62 -42.24
N PHE C 45 -6.17 6.69 -42.99
CA PHE C 45 -7.21 7.64 -42.56
C PHE C 45 -8.57 6.95 -42.53
N LEU C 46 -8.85 6.07 -43.51
CA LEU C 46 -10.09 5.29 -43.61
C LEU C 46 -10.16 4.24 -42.50
N ILE C 47 -9.00 3.63 -42.14
CA ILE C 47 -8.94 2.67 -41.04
C ILE C 47 -9.27 3.43 -39.73
N LEU C 48 -8.67 4.62 -39.52
CA LEU C 48 -8.92 5.43 -38.32
C LEU C 48 -10.39 5.81 -38.16
N THR C 49 -11.02 6.29 -39.22
CA THR C 49 -12.41 6.72 -39.30
C THR C 49 -13.36 5.54 -38.94
N GLU C 50 -13.10 4.33 -39.47
CA GLU C 50 -13.88 3.12 -39.19
C GLU C 50 -13.66 2.69 -37.71
N MET C 51 -12.39 2.72 -37.24
CA MET C 51 -12.06 2.39 -35.84
C MET C 51 -12.76 3.35 -34.87
N ALA C 52 -12.76 4.65 -35.18
CA ALA C 52 -13.36 5.65 -34.33
C ALA C 52 -14.88 5.60 -34.31
N THR C 53 -15.51 5.18 -35.43
CA THR C 53 -16.97 5.05 -35.52
C THR C 53 -17.42 3.88 -34.65
N ASN C 54 -16.69 2.73 -34.74
CA ASN C 54 -17.00 1.57 -33.91
C ASN C 54 -16.77 1.96 -32.44
N HIS C 55 -15.67 2.66 -32.14
CA HIS C 55 -15.38 3.09 -30.77
C HIS C 55 -16.52 3.90 -30.16
N VAL C 56 -17.01 4.94 -30.86
CA VAL C 56 -18.11 5.81 -30.40
C VAL C 56 -19.40 4.98 -30.11
N GLN C 57 -19.76 4.07 -31.03
CA GLN C 57 -20.94 3.23 -30.90
C GLN C 57 -20.88 2.38 -29.62
N VAL C 58 -19.75 1.72 -29.38
CA VAL C 58 -19.55 0.88 -28.20
C VAL C 58 -19.45 1.76 -26.92
N LEU C 59 -18.85 2.97 -27.05
CA LEU C 59 -18.71 3.90 -25.94
C LEU C 59 -20.08 4.36 -25.45
N VAL C 60 -21.02 4.66 -26.37
CA VAL C 60 -22.38 5.07 -26.01
C VAL C 60 -23.06 3.93 -25.23
N GLU C 61 -22.93 2.68 -25.71
CA GLU C 61 -23.49 1.52 -25.00
C GLU C 61 -22.87 1.31 -23.61
N PHE C 62 -21.55 1.53 -23.47
CA PHE C 62 -20.84 1.45 -22.18
C PHE C 62 -21.36 2.55 -21.22
N THR C 63 -21.44 3.79 -21.73
CA THR C 63 -21.91 4.98 -20.99
C THR C 63 -23.33 4.80 -20.46
N LYS C 64 -24.22 4.23 -21.27
CA LYS C 64 -25.62 3.97 -20.90
C LYS C 64 -25.75 3.01 -19.71
N LYS C 65 -24.75 2.12 -19.53
CA LYS C 65 -24.72 1.14 -18.44
C LYS C 65 -24.12 1.69 -17.16
N LEU C 66 -23.45 2.86 -17.21
CA LEU C 66 -22.83 3.47 -16.03
C LEU C 66 -23.91 3.77 -14.99
N PRO C 67 -23.73 3.29 -13.74
CA PRO C 67 -24.75 3.51 -12.70
C PRO C 67 -25.19 4.96 -12.58
N GLY C 68 -26.48 5.19 -12.71
CA GLY C 68 -27.10 6.50 -12.61
C GLY C 68 -27.08 7.34 -13.87
N PHE C 69 -26.33 6.94 -14.93
CA PHE C 69 -26.25 7.76 -16.16
C PHE C 69 -27.62 8.08 -16.77
N GLN C 70 -28.52 7.11 -16.80
CA GLN C 70 -29.84 7.31 -17.41
C GLN C 70 -30.80 8.13 -16.52
N THR C 71 -30.42 8.42 -15.25
CA THR C 71 -31.21 9.27 -14.35
C THR C 71 -30.90 10.75 -14.58
N LEU C 72 -29.76 11.04 -15.25
CA LEU C 72 -29.31 12.39 -15.56
C LEU C 72 -30.19 13.06 -16.59
N ASP C 73 -30.17 14.41 -16.59
CA ASP C 73 -30.89 15.24 -17.56
C ASP C 73 -30.43 14.88 -18.97
N HIS C 74 -31.39 14.75 -19.92
CA HIS C 74 -31.11 14.36 -21.31
C HIS C 74 -30.07 15.21 -22.00
N GLU C 75 -30.11 16.54 -21.78
CA GLU C 75 -29.14 17.46 -22.38
C GLU C 75 -27.74 17.24 -21.80
N ASP C 76 -27.66 16.99 -20.48
CA ASP C 76 -26.39 16.73 -19.81
C ASP C 76 -25.78 15.40 -20.28
N GLN C 77 -26.63 14.39 -20.57
CA GLN C 77 -26.23 13.08 -21.09
C GLN C 77 -25.47 13.25 -22.41
N ILE C 78 -26.00 14.12 -23.31
CA ILE C 78 -25.41 14.44 -24.62
C ILE C 78 -24.06 15.11 -24.44
N ALA C 79 -24.01 16.12 -23.55
CA ALA C 79 -22.82 16.92 -23.26
C ALA C 79 -21.68 16.06 -22.70
N LEU C 80 -21.99 15.05 -21.84
CA LEU C 80 -20.98 14.15 -21.30
C LEU C 80 -20.38 13.26 -22.38
N LEU C 81 -21.24 12.67 -23.22
CA LEU C 81 -20.82 11.80 -24.31
C LEU C 81 -19.97 12.55 -25.33
N LYS C 82 -20.45 13.72 -25.75
CA LYS C 82 -19.76 14.61 -26.69
C LYS C 82 -18.45 15.14 -26.10
N GLY C 83 -18.45 15.44 -24.81
CA GLY C 83 -17.28 15.96 -24.12
C GLY C 83 -16.18 14.94 -23.88
N SER C 84 -16.53 13.65 -23.81
CA SER C 84 -15.55 12.60 -23.50
C SER C 84 -15.15 11.67 -24.65
N ALA C 85 -15.85 11.68 -25.76
CA ALA C 85 -15.58 10.74 -26.86
C ALA C 85 -14.11 10.73 -27.35
N VAL C 86 -13.51 11.90 -27.57
CA VAL C 86 -12.12 11.97 -28.08
C VAL C 86 -11.14 11.48 -27.00
N GLU C 87 -11.33 11.92 -25.77
CA GLU C 87 -10.46 11.54 -24.65
C GLU C 87 -10.50 10.02 -24.41
N ALA C 88 -11.70 9.43 -24.42
CA ALA C 88 -11.87 7.98 -24.24
C ALA C 88 -11.19 7.24 -25.38
N MET C 89 -11.24 7.80 -26.60
CA MET C 89 -10.59 7.22 -27.77
C MET C 89 -9.07 7.14 -27.58
N PHE C 90 -8.44 8.24 -27.11
CA PHE C 90 -6.99 8.27 -26.86
C PHE C 90 -6.58 7.39 -25.69
N LEU C 91 -7.47 7.24 -24.70
CA LEU C 91 -7.19 6.37 -23.56
C LEU C 91 -7.21 4.90 -24.03
N ARG C 92 -8.17 4.56 -24.92
CA ARG C 92 -8.25 3.19 -25.47
C ARG C 92 -7.04 2.90 -26.37
N SER C 93 -6.61 3.90 -27.20
CA SER C 93 -5.44 3.75 -28.05
C SER C 93 -4.19 3.53 -27.21
N ALA C 94 -4.08 4.23 -26.07
CA ALA C 94 -2.96 4.10 -25.13
C ALA C 94 -2.93 2.71 -24.51
N GLU C 95 -4.12 2.14 -24.22
CA GLU C 95 -4.26 0.79 -23.68
C GLU C 95 -3.80 -0.24 -24.72
N ILE C 96 -4.26 -0.11 -25.98
CA ILE C 96 -3.90 -1.02 -27.08
C ILE C 96 -2.40 -0.98 -27.31
N PHE C 97 -1.83 0.24 -27.40
CA PHE C 97 -0.39 0.38 -27.66
CA PHE C 97 -0.40 0.44 -27.63
C PHE C 97 0.48 -0.28 -26.58
N ASN C 98 0.03 -0.29 -25.32
CA ASN C 98 0.78 -0.86 -24.21
C ASN C 98 0.52 -2.33 -23.90
N LYS C 99 -0.35 -3.01 -24.66
CA LYS C 99 -0.56 -4.46 -24.47
C LYS C 99 0.68 -5.22 -24.94
N LYS C 100 1.12 -6.22 -24.17
CA LYS C 100 2.32 -6.99 -24.50
C LYS C 100 2.15 -7.82 -25.77
N LEU C 101 3.13 -7.70 -26.66
CA LEU C 101 3.17 -8.39 -27.95
C LEU C 101 4.51 -9.16 -28.10
N PRO C 102 4.64 -10.16 -29.00
CA PRO C 102 5.93 -10.86 -29.18
C PRO C 102 7.08 -9.90 -29.53
N SER C 103 8.32 -10.25 -29.15
CA SER C 103 9.55 -9.48 -29.37
C SER C 103 9.61 -8.80 -30.76
N GLY C 104 9.77 -7.49 -30.76
CA GLY C 104 9.86 -6.68 -31.97
C GLY C 104 8.57 -6.13 -32.53
N HIS C 105 7.41 -6.71 -32.13
CA HIS C 105 6.08 -6.31 -32.60
C HIS C 105 5.66 -4.91 -32.18
N SER C 106 5.96 -4.50 -30.94
CA SER C 106 5.62 -3.16 -30.45
C SER C 106 6.41 -2.08 -31.16
N ASP C 107 7.69 -2.36 -31.49
CA ASP C 107 8.58 -1.45 -32.23
C ASP C 107 8.06 -1.22 -33.65
N LEU C 108 7.55 -2.29 -34.30
CA LEU C 108 6.99 -2.19 -35.64
C LEU C 108 5.69 -1.41 -35.58
N LEU C 109 4.87 -1.70 -34.55
CA LEU C 109 3.61 -1.00 -34.32
C LEU C 109 3.84 0.51 -34.20
N GLU C 110 4.80 0.96 -33.36
CA GLU C 110 5.09 2.38 -33.19
CA GLU C 110 5.13 2.38 -33.18
C GLU C 110 5.55 2.98 -34.52
N ALA C 111 6.45 2.28 -35.24
CA ALA C 111 6.94 2.74 -36.54
C ALA C 111 5.81 2.86 -37.58
N ARG C 112 4.85 1.92 -37.57
CA ARG C 112 3.72 1.94 -38.49
C ARG C 112 2.75 3.10 -38.17
N ILE C 113 2.53 3.36 -36.88
CA ILE C 113 1.71 4.48 -36.42
C ILE C 113 2.39 5.81 -36.74
N ARG C 114 3.73 5.90 -36.58
CA ARG C 114 4.52 7.09 -36.89
C ARG C 114 4.38 7.53 -38.33
N ASN C 115 4.28 6.55 -39.25
CA ASN C 115 4.17 6.80 -40.70
C ASN C 115 2.74 6.63 -41.24
N SER C 116 1.73 6.78 -40.36
CA SER C 116 0.32 6.63 -40.72
C SER C 116 -0.31 7.77 -41.54
N GLY C 117 0.27 8.97 -41.49
CA GLY C 117 -0.23 10.12 -42.24
C GLY C 117 -0.38 11.35 -41.38
N ILE C 118 -0.38 11.17 -40.07
CA ILE C 118 -0.51 12.28 -39.13
C ILE C 118 0.83 13.03 -39.04
N SER C 119 0.76 14.36 -38.86
CA SER C 119 1.91 15.25 -38.78
C SER C 119 2.79 14.88 -37.57
N ASP C 120 4.13 14.94 -37.72
CA ASP C 120 5.08 14.60 -36.65
C ASP C 120 4.89 15.47 -35.40
N GLU C 121 4.37 16.72 -35.57
CA GLU C 121 4.12 17.65 -34.45
CA GLU C 121 4.10 17.67 -34.47
C GLU C 121 3.13 17.05 -33.45
N TYR C 122 2.25 16.14 -33.90
CA TYR C 122 1.26 15.47 -33.06
C TYR C 122 1.67 14.07 -32.61
N ILE C 123 2.58 13.43 -33.35
CA ILE C 123 3.08 12.08 -33.08
C ILE C 123 3.91 12.05 -31.80
N THR C 124 4.85 13.00 -31.62
CA THR C 124 5.73 13.12 -30.44
C THR C 124 4.89 13.19 -29.14
N PRO C 125 3.96 14.16 -28.91
CA PRO C 125 3.17 14.16 -27.67
C PRO C 125 2.26 12.94 -27.50
N MET C 126 1.81 12.31 -28.60
CA MET C 126 0.95 11.12 -28.52
C MET C 126 1.75 9.94 -27.98
N PHE C 127 2.96 9.71 -28.52
CA PHE C 127 3.82 8.63 -28.03
C PHE C 127 4.35 8.90 -26.64
N SER C 128 4.52 10.19 -26.29
CA SER C 128 4.92 10.61 -24.96
C SER C 128 3.84 10.17 -23.97
N PHE C 129 2.54 10.46 -24.28
CA PHE C 129 1.40 10.06 -23.46
C PHE C 129 1.28 8.53 -23.38
N TYR C 130 1.35 7.83 -24.52
CA TYR C 130 1.27 6.37 -24.62
C TYR C 130 2.35 5.69 -23.76
N LYS C 131 3.61 6.15 -23.86
CA LYS C 131 4.73 5.60 -23.10
C LYS C 131 4.54 5.86 -21.60
N SER C 132 4.12 7.07 -21.24
CA SER C 132 3.94 7.45 -19.85
C SER C 132 2.73 6.75 -19.20
N ILE C 133 1.67 6.41 -19.97
CA ILE C 133 0.57 5.63 -19.41
C ILE C 133 1.02 4.17 -19.26
N GLY C 134 1.92 3.72 -20.14
CA GLY C 134 2.50 2.37 -20.11
C GLY C 134 3.39 2.15 -18.90
N GLU C 135 4.10 3.21 -18.46
CA GLU C 135 4.98 3.16 -17.30
C GLU C 135 4.15 3.02 -16.01
N LEU C 136 2.87 3.42 -16.04
CA LEU C 136 1.93 3.27 -14.92
C LEU C 136 1.53 1.81 -14.67
N LYS C 137 1.78 0.92 -15.66
CA LYS C 137 1.50 -0.52 -15.62
C LYS C 137 0.07 -0.80 -15.15
N MET C 138 -0.90 -0.12 -15.79
CA MET C 138 -2.32 -0.21 -15.46
C MET C 138 -2.92 -1.56 -15.80
N THR C 139 -3.83 -2.04 -14.95
CA THR C 139 -4.56 -3.29 -15.15
C THR C 139 -5.78 -2.94 -16.00
N GLN C 140 -6.48 -3.96 -16.52
CA GLN C 140 -7.68 -3.74 -17.31
C GLN C 140 -8.79 -3.02 -16.54
N GLU C 141 -8.89 -3.30 -15.23
CA GLU C 141 -9.87 -2.69 -14.33
C GLU C 141 -9.60 -1.20 -14.17
N GLU C 142 -8.32 -0.81 -14.11
CA GLU C 142 -7.91 0.59 -14.02
C GLU C 142 -8.29 1.35 -15.29
N TYR C 143 -8.07 0.74 -16.48
CA TYR C 143 -8.45 1.37 -17.75
C TYR C 143 -9.95 1.56 -17.84
N ALA C 144 -10.75 0.56 -17.39
CA ALA C 144 -12.20 0.59 -17.42
C ALA C 144 -12.76 1.70 -16.52
N LEU C 145 -12.26 1.78 -15.27
CA LEU C 145 -12.69 2.78 -14.31
C LEU C 145 -12.26 4.17 -14.74
N LEU C 146 -11.02 4.31 -15.25
CA LEU C 146 -10.54 5.61 -15.71
C LEU C 146 -11.40 6.12 -16.88
N THR C 147 -11.81 5.23 -17.80
CA THR C 147 -12.69 5.59 -18.93
C THR C 147 -14.04 6.09 -18.36
N ALA C 148 -14.62 5.34 -17.39
CA ALA C 148 -15.87 5.72 -16.72
C ALA C 148 -15.76 7.10 -16.03
N ILE C 149 -14.63 7.36 -15.39
CA ILE C 149 -14.34 8.64 -14.70
C ILE C 149 -14.24 9.80 -15.72
N VAL C 150 -13.61 9.55 -16.87
CA VAL C 150 -13.48 10.49 -18.00
C VAL C 150 -14.88 10.87 -18.52
N ILE C 151 -15.76 9.86 -18.68
CA ILE C 151 -17.13 10.09 -19.17
C ILE C 151 -17.95 10.91 -18.17
N LEU C 152 -17.89 10.53 -16.89
CA LEU C 152 -18.64 11.22 -15.85
C LEU C 152 -17.86 12.39 -15.22
N SER C 153 -17.26 13.24 -16.07
CA SER C 153 -16.50 14.41 -15.64
C SER C 153 -17.51 15.56 -15.46
N PRO C 154 -17.73 16.03 -14.23
CA PRO C 154 -18.74 17.09 -14.02
C PRO C 154 -18.36 18.48 -14.54
N ASP C 155 -17.07 18.69 -14.81
CA ASP C 155 -16.52 19.96 -15.29
C ASP C 155 -16.58 20.12 -16.83
N ARG C 156 -17.39 19.29 -17.50
CA ARG C 156 -17.60 19.34 -18.95
C ARG C 156 -18.43 20.57 -19.32
N GLN C 157 -18.21 21.14 -20.53
CA GLN C 157 -18.98 22.33 -20.95
C GLN C 157 -20.41 21.98 -21.33
N TYR C 158 -21.34 22.88 -20.98
CA TYR C 158 -22.79 22.85 -21.21
C TYR C 158 -23.53 21.91 -20.22
N ILE C 159 -22.87 21.52 -19.12
CA ILE C 159 -23.48 20.71 -18.08
C ILE C 159 -24.28 21.65 -17.19
N LYS C 160 -25.58 21.41 -17.09
CA LYS C 160 -26.47 22.26 -16.29
C LYS C 160 -26.46 21.86 -14.82
N ASP C 161 -26.27 20.55 -14.53
CA ASP C 161 -26.27 20.03 -13.16
C ASP C 161 -24.97 19.25 -12.88
N ARG C 162 -23.91 19.98 -12.53
CA ARG C 162 -22.57 19.48 -12.22
C ARG C 162 -22.58 18.51 -11.01
N GLU C 163 -23.34 18.89 -9.97
CA GLU C 163 -23.49 18.13 -8.72
C GLU C 163 -24.01 16.73 -8.97
N ALA C 164 -25.01 16.58 -9.87
CA ALA C 164 -25.59 15.29 -10.24
C ALA C 164 -24.56 14.39 -10.92
N VAL C 165 -23.63 14.99 -11.70
CA VAL C 165 -22.57 14.23 -12.36
C VAL C 165 -21.52 13.84 -11.31
N GLU C 166 -21.18 14.78 -10.42
CA GLU C 166 -20.22 14.57 -9.32
C GLU C 166 -20.61 13.35 -8.47
N LYS C 167 -21.90 13.25 -8.10
CA LYS C 167 -22.46 12.13 -7.33
C LYS C 167 -22.26 10.78 -8.03
N LEU C 168 -22.25 10.78 -9.35
CA LEU C 168 -22.03 9.56 -10.13
C LEU C 168 -20.57 9.19 -10.27
N GLN C 169 -19.69 10.19 -10.40
CA GLN C 169 -18.26 9.96 -10.55
C GLN C 169 -17.58 9.53 -9.25
N GLU C 170 -17.98 10.12 -8.09
CA GLU C 170 -17.40 9.88 -6.77
C GLU C 170 -17.28 8.38 -6.40
N PRO C 171 -18.31 7.50 -6.51
CA PRO C 171 -18.07 6.07 -6.18
C PRO C 171 -17.10 5.35 -7.12
N LEU C 172 -16.94 5.83 -8.37
CA LEU C 172 -16.00 5.23 -9.30
C LEU C 172 -14.58 5.63 -8.92
N LEU C 173 -14.41 6.91 -8.47
CA LEU C 173 -13.14 7.43 -7.97
C LEU C 173 -12.70 6.67 -6.72
N ASP C 174 -13.65 6.36 -5.81
CA ASP C 174 -13.38 5.57 -4.59
C ASP C 174 -12.86 4.18 -4.95
N VAL C 175 -13.50 3.50 -5.92
CA VAL C 175 -13.11 2.15 -6.37
C VAL C 175 -11.72 2.20 -7.00
N LEU C 176 -11.47 3.18 -7.88
CA LEU C 176 -10.17 3.31 -8.54
C LEU C 176 -9.04 3.52 -7.53
N GLN C 177 -9.24 4.40 -6.54
CA GLN C 177 -8.28 4.67 -5.47
C GLN C 177 -7.90 3.39 -4.71
N LYS C 178 -8.90 2.58 -4.32
CA LYS C 178 -8.67 1.29 -3.65
C LYS C 178 -7.81 0.36 -4.52
N LEU C 179 -8.13 0.24 -5.83
CA LEU C 179 -7.40 -0.59 -6.77
C LEU C 179 -5.94 -0.18 -6.93
N CYS C 180 -5.68 1.15 -6.93
CA CYS C 180 -4.32 1.72 -7.01
C CYS C 180 -3.51 1.32 -5.77
N LYS C 181 -4.16 1.32 -4.59
CA LYS C 181 -3.56 0.93 -3.31
C LYS C 181 -3.27 -0.58 -3.24
N ILE C 182 -4.08 -1.39 -3.94
CA ILE C 182 -3.98 -2.86 -3.99
C ILE C 182 -2.96 -3.33 -5.03
N HIS C 183 -3.03 -2.81 -6.27
CA HIS C 183 -2.12 -3.24 -7.31
C HIS C 183 -0.74 -2.57 -7.24
N GLN C 184 -0.64 -1.36 -6.67
CA GLN C 184 0.64 -0.66 -6.49
C GLN C 184 0.80 -0.10 -5.06
N PRO C 185 0.97 -0.96 -4.02
CA PRO C 185 1.13 -0.42 -2.65
C PRO C 185 2.48 0.26 -2.42
N GLU C 186 3.46 -0.07 -3.29
CA GLU C 186 4.83 0.47 -3.32
C GLU C 186 4.80 1.95 -3.73
N ASN C 187 3.96 2.30 -4.72
CA ASN C 187 3.80 3.66 -5.24
C ASN C 187 2.52 4.32 -4.69
N PRO C 188 2.60 5.16 -3.64
CA PRO C 188 1.38 5.78 -3.10
C PRO C 188 0.91 6.99 -3.93
N GLN C 189 1.71 7.37 -4.95
CA GLN C 189 1.45 8.46 -5.88
C GLN C 189 0.63 7.96 -7.07
N HIS C 190 0.51 6.63 -7.21
CA HIS C 190 -0.18 5.98 -8.33
C HIS C 190 -1.56 6.56 -8.65
N PHE C 191 -2.45 6.72 -7.64
CA PHE C 191 -3.77 7.27 -7.90
C PHE C 191 -3.69 8.71 -8.43
N ALA C 192 -2.82 9.54 -7.82
CA ALA C 192 -2.57 10.92 -8.26
C ALA C 192 -2.06 10.95 -9.70
N CYS C 193 -1.15 10.03 -10.08
CA CYS C 193 -0.61 9.89 -11.45
C CYS C 193 -1.72 9.63 -12.45
N LEU C 194 -2.67 8.72 -12.10
CA LEU C 194 -3.79 8.38 -12.97
C LEU C 194 -4.68 9.61 -13.18
N LEU C 195 -5.02 10.32 -12.09
CA LEU C 195 -5.84 11.52 -12.20
C LEU C 195 -5.12 12.63 -12.98
N GLY C 196 -3.80 12.69 -12.85
CA GLY C 196 -2.94 13.62 -13.56
C GLY C 196 -2.99 13.38 -15.07
N ARG C 197 -3.03 12.08 -15.49
CA ARG C 197 -3.12 11.66 -16.90
CA ARG C 197 -3.11 11.67 -16.91
C ARG C 197 -4.37 12.21 -17.58
N LEU C 198 -5.44 12.42 -16.81
CA LEU C 198 -6.72 12.95 -17.31
C LEU C 198 -6.63 14.38 -17.84
N THR C 199 -5.74 15.23 -17.27
CA THR C 199 -5.54 16.60 -17.74
C THR C 199 -4.79 16.57 -19.06
N GLU C 200 -3.82 15.61 -19.19
CA GLU C 200 -3.02 15.39 -20.39
CA GLU C 200 -3.04 15.40 -20.40
C GLU C 200 -3.94 14.94 -21.53
N LEU C 201 -4.96 14.11 -21.20
CA LEU C 201 -5.94 13.61 -22.16
C LEU C 201 -6.72 14.78 -22.74
N ARG C 202 -7.07 15.77 -21.91
CA ARG C 202 -7.82 16.95 -22.33
C ARG C 202 -7.09 17.77 -23.40
N THR C 203 -5.74 17.79 -23.35
CA THR C 203 -4.93 18.53 -24.33
C THR C 203 -5.11 17.96 -25.75
N PHE C 204 -5.29 16.63 -25.87
CA PHE C 204 -5.55 15.97 -27.17
C PHE C 204 -6.86 16.43 -27.76
N ASN C 205 -7.90 16.48 -26.91
CA ASN C 205 -9.25 16.91 -27.27
C ASN C 205 -9.19 18.31 -27.90
N HIS C 206 -8.32 19.20 -27.39
CA HIS C 206 -8.17 20.55 -27.94
C HIS C 206 -7.53 20.58 -29.33
N HIS C 207 -6.56 19.70 -29.61
CA HIS C 207 -5.88 19.72 -30.91
C HIS C 207 -6.28 18.61 -31.88
N HIS C 208 -7.36 17.85 -31.53
CA HIS C 208 -7.84 16.74 -32.35
CA HIS C 208 -7.87 16.72 -32.34
C HIS C 208 -8.28 17.12 -33.75
N ALA C 209 -9.07 18.23 -33.90
CA ALA C 209 -9.54 18.66 -35.23
C ALA C 209 -8.35 19.03 -36.10
N GLU C 210 -7.33 19.68 -35.52
CA GLU C 210 -6.10 20.06 -36.24
C GLU C 210 -5.32 18.80 -36.60
N MET C 211 -5.23 17.84 -35.67
CA MET C 211 -4.57 16.55 -35.82
C MET C 211 -5.11 15.81 -37.03
N LEU C 212 -6.45 15.75 -37.16
CA LEU C 212 -7.14 15.08 -38.26
C LEU C 212 -6.96 15.79 -39.59
N MET C 213 -7.10 17.13 -39.60
CA MET C 213 -6.98 17.92 -40.83
C MET C 213 -5.55 17.99 -41.37
N SER C 214 -4.55 17.74 -40.49
CA SER C 214 -3.13 17.72 -40.84
C SER C 214 -2.72 16.39 -41.49
N TRP C 215 -3.62 15.37 -41.47
CA TRP C 215 -3.38 14.06 -42.08
C TRP C 215 -3.00 14.23 -43.56
N ARG C 216 -1.91 13.57 -43.99
CA ARG C 216 -1.38 13.67 -45.37
C ARG C 216 -2.32 12.96 -46.35
N VAL C 217 -3.49 13.53 -46.59
CA VAL C 217 -4.54 13.03 -47.47
C VAL C 217 -5.21 14.19 -48.19
N ASN C 218 -5.61 13.98 -49.45
CA ASN C 218 -6.27 14.97 -50.30
C ASN C 218 -7.67 15.35 -49.79
N ASP C 219 -8.48 14.34 -49.39
CA ASP C 219 -9.85 14.56 -48.90
C ASP C 219 -10.03 13.98 -47.50
N HIS C 220 -10.50 14.80 -46.56
CA HIS C 220 -10.74 14.36 -45.18
C HIS C 220 -12.22 14.06 -45.02
N LYS C 221 -12.62 12.83 -45.43
CA LYS C 221 -14.00 12.38 -45.35
C LYS C 221 -14.30 11.69 -44.03
N PHE C 222 -15.32 12.21 -43.36
CA PHE C 222 -15.80 11.73 -42.06
C PHE C 222 -17.22 11.20 -42.17
N THR C 223 -17.60 10.24 -41.29
CA THR C 223 -18.96 9.69 -41.31
C THR C 223 -19.90 10.71 -40.62
N PRO C 224 -21.23 10.73 -40.90
CA PRO C 224 -22.11 11.69 -40.19
C PRO C 224 -22.06 11.58 -38.66
N LEU C 225 -21.81 10.36 -38.11
CA LEU C 225 -21.69 10.16 -36.67
C LEU C 225 -20.43 10.85 -36.13
N LEU C 226 -19.28 10.69 -36.83
CA LEU C 226 -18.04 11.36 -36.42
C LEU C 226 -18.15 12.87 -36.53
N CYS C 227 -18.96 13.37 -37.48
CA CYS C 227 -19.20 14.81 -37.67
C CYS C 227 -19.84 15.46 -36.45
N GLU C 228 -20.74 14.72 -35.79
CA GLU C 228 -21.44 15.14 -34.59
C GLU C 228 -20.49 15.15 -33.39
N ILE C 229 -19.64 14.13 -33.29
CA ILE C 229 -18.74 13.91 -32.17
C ILE C 229 -17.42 14.72 -32.27
N TRP C 230 -16.91 14.93 -33.48
CA TRP C 230 -15.63 15.60 -33.69
C TRP C 230 -15.68 17.07 -34.12
N ASP C 231 -16.88 17.59 -34.50
CA ASP C 231 -17.07 18.98 -34.98
C ASP C 231 -16.16 19.28 -36.20
N VAL C 232 -16.19 18.36 -37.18
CA VAL C 232 -15.43 18.44 -38.43
C VAL C 232 -16.37 18.71 -39.61
N GLN C 233 -15.80 19.08 -40.79
CA GLN C 233 -16.45 19.38 -42.06
C GLN C 233 -17.45 20.55 -41.98
N HIS D 3 -27.56 17.05 -32.82
CA HIS D 3 -26.94 15.77 -32.49
C HIS D 3 -28.00 14.66 -32.45
N GLN D 4 -28.80 14.53 -33.54
CA GLN D 4 -29.88 13.54 -33.58
C GLN D 4 -29.38 12.08 -33.60
N LEU D 5 -28.21 11.79 -34.19
CA LEU D 5 -27.66 10.42 -34.18
C LEU D 5 -27.20 10.04 -32.77
N LEU D 6 -26.62 10.99 -32.04
CA LEU D 6 -26.16 10.82 -30.65
C LEU D 6 -27.37 10.59 -29.75
N ARG D 7 -28.43 11.39 -29.95
CA ARG D 7 -29.70 11.30 -29.22
C ARG D 7 -30.33 9.93 -29.45
N TYR D 8 -30.32 9.43 -30.71
CA TYR D 8 -30.85 8.11 -31.05
C TYR D 8 -30.08 7.00 -30.36
N LEU D 9 -28.73 7.01 -30.42
CA LEU D 9 -27.89 6.00 -29.77
C LEU D 9 -28.09 5.96 -28.25
N LEU D 10 -28.43 7.12 -27.67
CA LEU D 10 -28.69 7.32 -26.24
C LEU D 10 -30.11 6.87 -25.87
N ASP D 11 -31.11 7.12 -26.75
CA ASP D 11 -32.51 6.79 -26.50
C ASP D 11 -32.92 5.38 -27.02
N LYS D 12 -31.93 4.45 -27.05
CA LYS D 12 -32.00 3.05 -27.48
C LYS D 12 -32.21 2.92 -28.99
#